data_5POY
#
_entry.id   5POY
#
_cell.length_a   56.034
_cell.length_b   56.502
_cell.length_c   101.830
_cell.angle_alpha   90.000
_cell.angle_beta   90.000
_cell.angle_gamma   90.000
#
_symmetry.space_group_name_H-M   'P 21 21 21'
#
loop_
_entity.id
_entity.type
_entity.pdbx_description
1 polymer 'Bromodomain-containing protein 1'
2 non-polymer 1,2-ETHANEDIOL
3 non-polymer N-[2-(phenylamino)ethyl]acetamide
4 non-polymer 'SODIUM ION'
5 water water
#
_entity_poly.entity_id   1
_entity_poly.type   'polypeptide(L)'
_entity_poly.pdbx_seq_one_letter_code
;MHHHHHHSSGVDLGTENLYFQSMEQVAMELRLTELTRLLRSVLDQLQDKDPARIFAQPVSLKEVPDYLDHIKHPMDFATM
RKRLEAQGYKNLHEFEEDFDLIIDNCMKYNARDTVFYRAAVRLRDQGGVVLRQARREVDSIGLEEASGMHLPERPA
;
_entity_poly.pdbx_strand_id   A,B
#
# COMPACT_ATOMS: atom_id res chain seq x y z
N SER A 22 28.99 23.58 0.81
CA SER A 22 28.85 24.23 2.11
C SER A 22 29.12 23.23 3.23
N MET A 23 29.44 23.73 4.42
CA MET A 23 29.67 22.84 5.54
CA MET A 23 29.66 22.86 5.56
C MET A 23 28.38 22.11 5.91
N GLU A 24 27.25 22.79 5.73
CA GLU A 24 25.96 22.18 6.03
C GLU A 24 25.75 20.92 5.18
N GLN A 25 25.88 21.05 3.87
CA GLN A 25 25.58 19.93 2.98
C GLN A 25 26.47 18.72 3.24
N VAL A 26 27.71 18.97 3.65
CA VAL A 26 28.63 17.90 4.08
C VAL A 26 28.10 17.19 5.32
N ALA A 27 27.63 17.98 6.28
CA ALA A 27 27.05 17.45 7.51
C ALA A 27 25.82 16.62 7.16
N MET A 28 24.95 17.17 6.32
CA MET A 28 23.80 16.44 5.81
C MET A 28 24.20 15.12 5.17
N GLU A 29 25.27 15.16 4.39
CA GLU A 29 25.74 13.96 3.69
C GLU A 29 26.44 12.99 4.62
N LEU A 30 26.93 13.48 5.76
CA LEU A 30 27.55 12.61 6.75
C LEU A 30 26.47 11.78 7.43
N ARG A 31 25.31 12.39 7.68
CA ARG A 31 24.19 11.71 8.35
C ARG A 31 23.55 10.69 7.41
N LEU A 32 23.27 11.11 6.18
CA LEU A 32 22.75 10.20 5.17
C LEU A 32 23.65 8.96 5.04
N THR A 33 24.95 9.18 5.08
CA THR A 33 25.92 8.09 5.00
C THR A 33 25.75 7.15 6.17
N GLU A 34 25.49 7.70 7.35
CA GLU A 34 25.37 6.84 8.51
C GLU A 34 23.98 6.19 8.53
N LEU A 35 22.95 6.91 8.08
CA LEU A 35 21.63 6.30 7.93
C LEU A 35 21.75 5.09 7.02
N THR A 36 22.53 5.26 5.95
CA THR A 36 22.79 4.17 5.01
C THR A 36 23.57 3.04 5.67
N ARG A 37 24.55 3.39 6.49
CA ARG A 37 25.32 2.39 7.21
C ARG A 37 24.40 1.56 8.09
N LEU A 38 23.49 2.25 8.79
CA LEU A 38 22.55 1.62 9.70
C LEU A 38 21.54 0.75 8.93
N LEU A 39 20.99 1.29 7.85
CA LEU A 39 20.02 0.53 7.05
C LEU A 39 20.66 -0.71 6.42
N ARG A 40 21.94 -0.63 6.09
CA ARG A 40 22.66 -1.78 5.54
C ARG A 40 22.67 -2.94 6.53
N SER A 41 22.78 -2.60 7.80
CA SER A 41 22.79 -3.61 8.85
C SER A 41 21.40 -4.22 9.02
N VAL A 42 20.40 -3.36 9.04
CA VAL A 42 19.00 -3.77 9.06
C VAL A 42 18.69 -4.67 7.86
N LEU A 43 19.20 -4.30 6.70
CA LEU A 43 18.94 -5.07 5.48
C LEU A 43 19.52 -6.47 5.58
N ASP A 44 20.71 -6.60 6.13
CA ASP A 44 21.33 -7.91 6.23
C ASP A 44 20.54 -8.79 7.20
N GLN A 45 20.10 -8.18 8.30
CA GLN A 45 19.32 -8.89 9.30
C GLN A 45 17.99 -9.35 8.75
N LEU A 46 17.34 -8.51 7.94
CA LEU A 46 16.08 -8.91 7.34
C LEU A 46 16.30 -10.06 6.35
N GLN A 47 17.34 -9.94 5.54
CA GLN A 47 17.58 -10.92 4.50
C GLN A 47 18.05 -12.25 5.10
N ASP A 48 18.60 -12.20 6.31
CA ASP A 48 19.01 -13.43 7.00
C ASP A 48 17.79 -14.24 7.36
N LYS A 49 16.64 -13.58 7.43
CA LYS A 49 15.39 -14.24 7.77
C LYS A 49 14.72 -14.82 6.52
N ASP A 50 15.41 -14.76 5.38
CA ASP A 50 14.95 -15.41 4.15
C ASP A 50 16.00 -16.44 3.71
N PRO A 51 16.17 -17.51 4.50
CA PRO A 51 17.25 -18.47 4.23
C PRO A 51 17.10 -19.17 2.89
N ALA A 52 15.86 -19.26 2.40
CA ALA A 52 15.58 -19.92 1.13
C ALA A 52 15.84 -18.98 -0.07
N ARG A 53 16.09 -17.71 0.23
CA ARG A 53 16.37 -16.67 -0.76
C ARG A 53 15.24 -16.51 -1.78
N ILE A 54 14.02 -16.70 -1.30
CA ILE A 54 12.82 -16.52 -2.10
C ILE A 54 12.64 -15.06 -2.54
N PHE A 55 13.12 -14.12 -1.71
CA PHE A 55 12.91 -12.69 -1.98
C PHE A 55 14.20 -11.98 -2.37
N ALA A 56 15.20 -12.77 -2.72
CA ALA A 56 16.55 -12.27 -2.97
C ALA A 56 16.68 -11.51 -4.28
N GLN A 57 15.92 -11.94 -5.29
CA GLN A 57 16.05 -11.35 -6.62
C GLN A 57 14.68 -10.97 -7.16
N PRO A 58 14.63 -10.04 -8.12
CA PRO A 58 13.32 -9.76 -8.71
C PRO A 58 12.72 -11.01 -9.35
N VAL A 59 11.40 -11.12 -9.29
CA VAL A 59 10.68 -12.18 -9.96
C VAL A 59 10.93 -12.07 -11.46
N SER A 60 11.37 -13.17 -12.08
CA SER A 60 11.72 -13.14 -13.50
C SER A 60 10.53 -13.17 -14.44
N LEU A 61 10.53 -12.30 -15.43
CA LEU A 61 9.43 -12.25 -16.39
C LEU A 61 9.62 -13.35 -17.39
N LYS A 62 10.82 -13.89 -17.47
CA LYS A 62 11.06 -15.06 -18.30
C LYS A 62 10.45 -16.33 -17.67
N GLU A 63 10.27 -16.32 -16.35
CA GLU A 63 9.72 -17.48 -15.65
C GLU A 63 8.28 -17.27 -15.24
N VAL A 64 7.94 -16.00 -15.00
CA VAL A 64 6.57 -15.62 -14.69
C VAL A 64 6.16 -14.45 -15.61
N PRO A 65 5.83 -14.78 -16.87
CA PRO A 65 5.51 -13.76 -17.86
C PRO A 65 4.37 -12.82 -17.45
N ASP A 66 3.35 -13.30 -16.73
CA ASP A 66 2.19 -12.45 -16.41
C ASP A 66 2.36 -11.61 -15.15
N TYR A 67 3.52 -11.69 -14.51
CA TYR A 67 3.67 -11.13 -13.16
C TYR A 67 3.25 -9.66 -13.06
N LEU A 68 3.67 -8.82 -14.02
CA LEU A 68 3.38 -7.39 -13.97
C LEU A 68 1.92 -7.05 -14.24
N ASP A 69 1.12 -8.01 -14.72
CA ASP A 69 -0.33 -7.83 -14.82
C ASP A 69 -0.94 -7.85 -13.42
N HIS A 70 -0.26 -8.52 -12.50
CA HIS A 70 -0.74 -8.70 -11.13
C HIS A 70 -0.16 -7.69 -10.16
N ILE A 71 1.14 -7.48 -10.28
CA ILE A 71 1.89 -6.71 -9.31
C ILE A 71 2.44 -5.46 -9.95
N LYS A 72 1.94 -4.31 -9.53
CA LYS A 72 2.27 -3.06 -10.19
C LYS A 72 3.59 -2.47 -9.72
N HIS A 73 4.00 -2.79 -8.50
CA HIS A 73 5.27 -2.31 -8.00
C HIS A 73 6.11 -3.42 -7.35
N PRO A 74 6.82 -4.20 -8.17
CA PRO A 74 7.69 -5.31 -7.73
C PRO A 74 8.83 -4.86 -6.85
N MET A 75 9.25 -5.74 -5.94
CA MET A 75 10.35 -5.44 -5.06
C MET A 75 11.05 -6.72 -4.61
N ASP A 76 12.32 -6.59 -4.25
CA ASP A 76 13.12 -7.73 -3.78
C ASP A 76 14.34 -7.14 -3.11
N PHE A 77 15.12 -7.98 -2.45
CA PHE A 77 16.25 -7.54 -1.65
C PHE A 77 17.38 -6.98 -2.51
N ALA A 78 17.63 -7.56 -3.69
CA ALA A 78 18.68 -7.05 -4.55
C ALA A 78 18.36 -5.61 -4.99
N THR A 79 17.10 -5.35 -5.32
CA THR A 79 16.71 -4.01 -5.76
C THR A 79 16.80 -2.99 -4.63
N MET A 80 16.47 -3.40 -3.40
CA MET A 80 16.61 -2.52 -2.23
C MET A 80 18.08 -2.20 -2.00
N ARG A 81 18.91 -3.23 -2.13
CA ARG A 81 20.34 -3.07 -1.90
C ARG A 81 20.97 -2.09 -2.92
N LYS A 82 20.49 -2.10 -4.16
CA LYS A 82 21.00 -1.18 -5.17
C LYS A 82 20.67 0.26 -4.78
N ARG A 83 19.40 0.48 -4.44
CA ARG A 83 18.95 1.78 -4.03
C ARG A 83 19.65 2.22 -2.74
N LEU A 84 19.97 1.25 -1.89
CA LEU A 84 20.64 1.52 -0.62
C LEU A 84 22.05 2.08 -0.80
N GLU A 85 22.84 1.41 -1.63
CA GLU A 85 24.21 1.81 -1.85
C GLU A 85 24.29 3.09 -2.68
N ALA A 86 23.21 3.41 -3.39
CA ALA A 86 23.07 4.70 -4.05
C ALA A 86 22.49 5.74 -3.10
N GLN A 87 22.51 5.42 -1.81
CA GLN A 87 21.95 6.27 -0.75
C GLN A 87 20.57 6.82 -1.12
N GLY A 88 19.74 5.94 -1.66
CA GLY A 88 18.42 6.30 -2.15
C GLY A 88 17.32 6.30 -1.11
N TYR A 89 17.61 5.91 0.14
CA TYR A 89 16.59 5.99 1.18
C TYR A 89 16.84 7.19 2.08
N LYS A 90 15.94 8.15 2.04
CA LYS A 90 16.11 9.40 2.80
C LYS A 90 15.83 9.21 4.28
N ASN A 91 15.04 8.20 4.60
CA ASN A 91 14.66 7.89 5.97
C ASN A 91 14.27 6.41 6.10
N LEU A 92 13.92 5.99 7.30
CA LEU A 92 13.52 4.61 7.54
C LEU A 92 12.18 4.28 6.89
N HIS A 93 11.26 5.25 6.90
CA HIS A 93 9.94 5.00 6.33
C HIS A 93 9.99 4.56 4.87
N GLU A 94 10.82 5.21 4.05
CA GLU A 94 10.98 4.80 2.65
C GLU A 94 11.52 3.37 2.57
N PHE A 95 12.49 3.06 3.42
CA PHE A 95 13.08 1.73 3.49
C PHE A 95 12.01 0.69 3.82
N GLU A 96 11.16 1.01 4.80
CA GLU A 96 10.11 0.10 5.25
C GLU A 96 9.04 -0.12 4.20
N GLU A 97 8.69 0.93 3.45
N GLU A 97 8.71 0.91 3.42
CA GLU A 97 7.75 0.81 2.35
CA GLU A 97 7.69 0.76 2.39
C GLU A 97 8.17 -0.31 1.41
C GLU A 97 8.14 -0.21 1.28
N ASP A 98 9.44 -0.26 1.02
CA ASP A 98 9.99 -1.24 0.07
C ASP A 98 10.03 -2.64 0.66
N PHE A 99 10.26 -2.75 1.95
CA PHE A 99 10.29 -4.06 2.58
C PHE A 99 8.89 -4.61 2.61
N ASP A 100 7.93 -3.78 3.00
CA ASP A 100 6.53 -4.16 2.96
C ASP A 100 6.04 -4.56 1.56
N LEU A 101 6.53 -3.90 0.52
CA LEU A 101 6.19 -4.30 -0.85
C LEU A 101 6.53 -5.77 -1.11
N ILE A 102 7.72 -6.17 -0.69
CA ILE A 102 8.19 -7.53 -0.91
C ILE A 102 7.19 -8.52 -0.36
N ILE A 103 6.76 -8.24 0.87
CA ILE A 103 5.88 -9.11 1.62
CA ILE A 103 5.88 -9.11 1.62
C ILE A 103 4.47 -9.10 1.04
N ASP A 104 3.91 -7.91 0.86
CA ASP A 104 2.55 -7.74 0.41
C ASP A 104 2.35 -8.22 -1.02
N ASN A 105 3.35 -8.00 -1.87
CA ASN A 105 3.25 -8.49 -3.24
C ASN A 105 3.16 -9.99 -3.28
N CYS A 106 3.99 -10.61 -2.46
CA CYS A 106 4.06 -12.05 -2.38
C CYS A 106 2.74 -12.65 -1.86
N MET A 107 2.15 -11.99 -0.87
CA MET A 107 0.97 -12.51 -0.23
C MET A 107 -0.26 -12.30 -1.11
N LYS A 108 -0.10 -11.50 -2.16
CA LYS A 108 -1.20 -11.41 -3.13
CA LYS A 108 -1.14 -11.34 -3.20
C LYS A 108 -0.97 -12.37 -4.30
N TYR A 109 0.24 -12.41 -4.85
CA TYR A 109 0.47 -13.21 -6.04
C TYR A 109 0.32 -14.69 -5.74
N ASN A 110 0.71 -15.08 -4.54
CA ASN A 110 0.75 -16.49 -4.20
C ASN A 110 -0.37 -16.83 -3.23
N ALA A 111 -0.97 -17.99 -3.44
CA ALA A 111 -2.05 -18.44 -2.56
C ALA A 111 -1.49 -18.82 -1.18
N ARG A 112 -2.39 -18.82 -0.22
CA ARG A 112 -2.06 -19.03 1.19
C ARG A 112 -1.31 -20.33 1.47
N ASP A 113 -1.56 -21.37 0.68
CA ASP A 113 -0.93 -22.67 0.97
C ASP A 113 0.26 -22.93 0.07
N THR A 114 1.08 -21.91 -0.15
CA THR A 114 2.29 -22.10 -0.93
C THR A 114 3.47 -21.78 -0.02
N VAL A 115 4.63 -22.34 -0.37
CA VAL A 115 5.87 -22.06 0.35
C VAL A 115 6.25 -20.57 0.27
N PHE A 116 5.86 -19.95 -0.84
CA PHE A 116 6.07 -18.53 -1.08
C PHE A 116 5.30 -17.66 -0.09
N TYR A 117 4.01 -17.87 0.02
CA TYR A 117 3.19 -17.06 0.90
C TYR A 117 3.66 -17.26 2.34
N ARG A 118 3.89 -18.53 2.71
CA ARG A 118 4.33 -18.82 4.07
C ARG A 118 5.69 -18.20 4.36
N ALA A 119 6.58 -18.18 3.38
CA ALA A 119 7.87 -17.50 3.56
C ALA A 119 7.67 -16.01 3.86
N ALA A 120 6.74 -15.36 3.14
CA ALA A 120 6.45 -13.95 3.42
C ALA A 120 5.93 -13.72 4.85
N VAL A 121 4.99 -14.55 5.29
CA VAL A 121 4.46 -14.43 6.66
C VAL A 121 5.58 -14.48 7.68
N ARG A 122 6.45 -15.48 7.54
CA ARG A 122 7.57 -15.65 8.46
C ARG A 122 8.52 -14.47 8.43
N LEU A 123 8.84 -13.99 7.23
CA LEU A 123 9.75 -12.85 7.09
C LEU A 123 9.15 -11.61 7.75
N ARG A 124 7.85 -11.42 7.59
CA ARG A 124 7.17 -10.28 8.20
CA ARG A 124 7.21 -10.26 8.20
C ARG A 124 7.25 -10.38 9.71
N ASP A 125 6.89 -11.55 10.24
CA ASP A 125 6.89 -11.76 11.69
C ASP A 125 8.28 -11.55 12.26
N GLN A 126 9.26 -12.23 11.69
CA GLN A 126 10.63 -12.17 12.18
C GLN A 126 11.31 -10.81 11.92
N GLY A 127 10.87 -10.09 10.90
CA GLY A 127 11.44 -8.80 10.59
C GLY A 127 10.99 -7.71 11.54
N GLY A 128 9.79 -7.85 12.08
CA GLY A 128 9.20 -6.85 12.97
C GLY A 128 10.08 -6.50 14.15
N VAL A 129 10.75 -7.50 14.71
CA VAL A 129 11.67 -7.30 15.82
C VAL A 129 12.78 -6.34 15.41
N VAL A 130 13.43 -6.62 14.28
CA VAL A 130 14.55 -5.83 13.79
C VAL A 130 14.13 -4.38 13.50
N LEU A 131 12.97 -4.22 12.86
CA LEU A 131 12.45 -2.90 12.49
C LEU A 131 11.93 -2.10 13.69
N ARG A 132 11.58 -2.79 14.77
CA ARG A 132 11.15 -2.10 15.97
C ARG A 132 12.36 -1.40 16.59
N GLN A 133 13.48 -2.12 16.59
CA GLN A 133 14.73 -1.62 17.11
C GLN A 133 15.31 -0.51 16.23
N ALA A 134 15.28 -0.73 14.92
CA ALA A 134 15.79 0.24 13.96
C ALA A 134 15.10 1.59 14.11
N ARG A 135 13.79 1.59 14.32
CA ARG A 135 13.05 2.83 14.55
C ARG A 135 13.59 3.56 15.79
N ARG A 136 13.78 2.83 16.87
CA ARG A 136 14.23 3.46 18.09
C ARG A 136 15.65 4.05 17.93
N GLU A 137 16.51 3.36 17.19
CA GLU A 137 17.89 3.84 16.99
C GLU A 137 17.94 5.11 16.12
N VAL A 138 17.31 5.05 14.96
CA VAL A 138 17.20 6.20 14.07
C VAL A 138 16.68 7.45 14.79
N ASP A 139 15.63 7.27 15.58
CA ASP A 139 15.08 8.36 16.41
C ASP A 139 16.11 8.84 17.44
N SER A 140 16.72 7.89 18.13
CA SER A 140 17.70 8.19 19.16
C SER A 140 18.89 8.98 18.60
N ILE A 141 19.60 8.36 17.65
CA ILE A 141 20.78 9.00 17.07
C ILE A 141 20.40 10.24 16.26
N GLY A 142 19.15 10.30 15.82
CA GLY A 142 18.67 11.41 15.03
C GLY A 142 19.10 11.29 13.57
N SER B 22 -15.30 35.19 8.50
CA SER B 22 -14.12 35.68 7.82
C SER B 22 -13.99 35.05 6.42
N MET B 23 -13.21 35.69 5.56
N MET B 23 -13.18 35.68 5.58
CA MET B 23 -12.89 35.16 4.24
CA MET B 23 -12.91 35.19 4.23
C MET B 23 -12.26 33.79 4.39
C MET B 23 -12.11 33.90 4.26
N GLU B 24 -11.31 33.72 5.31
CA GLU B 24 -10.51 32.52 5.47
C GLU B 24 -11.38 31.31 5.82
N GLN B 25 -12.39 31.53 6.66
CA GLN B 25 -13.37 30.49 7.03
C GLN B 25 -14.25 30.04 5.86
N VAL B 26 -14.74 31.01 5.11
CA VAL B 26 -15.50 30.72 3.90
C VAL B 26 -14.68 29.89 2.93
N ALA B 27 -13.44 30.27 2.73
CA ALA B 27 -12.61 29.51 1.80
C ALA B 27 -12.36 28.08 2.28
N MET B 28 -12.20 27.90 3.57
CA MET B 28 -11.88 26.58 4.10
C MET B 28 -13.13 25.70 4.01
N GLU B 29 -14.28 26.32 4.21
CA GLU B 29 -15.56 25.62 4.12
C GLU B 29 -15.88 25.24 2.67
N LEU B 30 -15.55 26.13 1.72
CA LEU B 30 -15.70 25.79 0.30
C LEU B 30 -14.76 24.64 -0.10
N ARG B 31 -13.55 24.59 0.44
CA ARG B 31 -12.66 23.50 0.05
C ARG B 31 -13.19 22.17 0.59
N LEU B 32 -13.77 22.22 1.78
CA LEU B 32 -14.43 21.07 2.40
C LEU B 32 -15.56 20.53 1.53
N THR B 33 -16.54 21.38 1.19
CA THR B 33 -17.73 20.90 0.49
C THR B 33 -17.41 20.49 -0.95
N GLU B 34 -16.43 21.16 -1.57
CA GLU B 34 -16.00 20.78 -2.92
C GLU B 34 -15.28 19.44 -2.92
N LEU B 35 -14.43 19.22 -1.93
CA LEU B 35 -13.83 17.90 -1.75
C LEU B 35 -14.89 16.80 -1.61
N THR B 36 -15.84 17.00 -0.70
CA THR B 36 -16.90 16.03 -0.46
C THR B 36 -17.69 15.79 -1.74
N ARG B 37 -17.90 16.83 -2.54
CA ARG B 37 -18.61 16.70 -3.81
CA ARG B 37 -18.61 16.70 -3.81
C ARG B 37 -17.85 15.76 -4.74
N LEU B 38 -16.54 15.99 -4.85
CA LEU B 38 -15.70 15.17 -5.72
C LEU B 38 -15.64 13.72 -5.24
N LEU B 39 -15.44 13.50 -3.94
CA LEU B 39 -15.29 12.13 -3.44
C LEU B 39 -16.57 11.34 -3.62
N ARG B 40 -17.68 12.03 -3.41
CA ARG B 40 -19.00 11.45 -3.62
C ARG B 40 -19.16 10.88 -5.02
N SER B 41 -18.79 11.70 -6.00
CA SER B 41 -18.86 11.31 -7.39
C SER B 41 -17.85 10.20 -7.71
N VAL B 42 -16.67 10.27 -7.11
CA VAL B 42 -15.66 9.23 -7.30
C VAL B 42 -16.19 7.89 -6.75
N LEU B 43 -16.68 7.91 -5.51
CA LEU B 43 -17.22 6.71 -4.90
C LEU B 43 -18.38 6.10 -5.71
N ASP B 44 -19.25 6.93 -6.28
N ASP B 44 -19.24 6.95 -6.26
CA ASP B 44 -20.35 6.44 -7.08
CA ASP B 44 -20.34 6.53 -7.11
C ASP B 44 -19.82 5.81 -8.36
C ASP B 44 -19.79 5.80 -8.32
N GLN B 45 -18.81 6.42 -8.98
CA GLN B 45 -18.15 5.84 -10.16
C GLN B 45 -17.46 4.49 -9.90
N LEU B 46 -16.78 4.39 -8.76
CA LEU B 46 -16.14 3.14 -8.38
C LEU B 46 -17.19 2.06 -8.17
N GLN B 47 -18.24 2.39 -7.42
CA GLN B 47 -19.21 1.38 -7.02
C GLN B 47 -20.08 0.96 -8.19
N ASP B 48 -20.36 1.88 -9.10
CA ASP B 48 -21.16 1.52 -10.26
CA ASP B 48 -21.14 1.55 -10.30
C ASP B 48 -20.48 0.43 -11.08
N LYS B 49 -19.17 0.27 -10.90
CA LYS B 49 -18.44 -0.73 -11.64
C LYS B 49 -18.40 -2.06 -10.91
N ASP B 50 -19.19 -2.17 -9.85
CA ASP B 50 -19.30 -3.43 -9.08
C ASP B 50 -20.76 -3.81 -8.93
N PRO B 51 -21.44 -4.09 -10.05
CA PRO B 51 -22.86 -4.40 -10.00
C PRO B 51 -23.13 -5.77 -9.40
N ALA B 52 -22.12 -6.63 -9.37
CA ALA B 52 -22.25 -7.90 -8.68
C ALA B 52 -22.20 -7.71 -7.16
N ARG B 53 -21.92 -6.48 -6.73
CA ARG B 53 -21.92 -6.13 -5.31
CA ARG B 53 -21.89 -6.13 -5.31
C ARG B 53 -20.91 -6.97 -4.49
N ILE B 54 -19.75 -7.27 -5.08
CA ILE B 54 -18.70 -8.03 -4.39
C ILE B 54 -18.12 -7.24 -3.21
N PHE B 55 -18.02 -5.92 -3.38
CA PHE B 55 -17.31 -5.06 -2.45
C PHE B 55 -18.22 -4.07 -1.76
N ALA B 56 -19.52 -4.31 -1.79
CA ALA B 56 -20.50 -3.32 -1.35
C ALA B 56 -20.71 -3.27 0.17
N GLN B 57 -20.52 -4.40 0.82
CA GLN B 57 -20.78 -4.57 2.24
C GLN B 57 -19.60 -5.33 2.84
N PRO B 58 -19.45 -5.29 4.16
CA PRO B 58 -18.38 -6.09 4.77
C PRO B 58 -18.44 -7.57 4.39
N VAL B 59 -17.30 -8.22 4.26
CA VAL B 59 -17.27 -9.68 4.10
C VAL B 59 -17.89 -10.30 5.36
N SER B 60 -18.85 -11.19 5.19
CA SER B 60 -19.55 -11.79 6.32
C SER B 60 -18.78 -12.91 6.98
N LEU B 61 -18.66 -12.85 8.30
CA LEU B 61 -18.02 -13.94 9.04
C LEU B 61 -18.83 -15.24 8.98
N LYS B 62 -20.12 -15.13 8.73
CA LYS B 62 -20.95 -16.31 8.55
C LYS B 62 -20.54 -16.99 7.25
N GLU B 63 -20.49 -16.22 6.17
CA GLU B 63 -20.11 -16.74 4.87
C GLU B 63 -18.64 -17.16 4.85
N VAL B 64 -17.78 -16.38 5.50
CA VAL B 64 -16.34 -16.58 5.46
C VAL B 64 -15.72 -16.56 6.87
N PRO B 65 -15.74 -17.70 7.56
CA PRO B 65 -15.40 -17.69 8.99
C PRO B 65 -13.94 -17.35 9.27
N ASP B 66 -13.03 -17.69 8.36
CA ASP B 66 -11.61 -17.45 8.61
C ASP B 66 -11.12 -16.10 8.07
N TYR B 67 -12.04 -15.24 7.63
CA TYR B 67 -11.63 -14.02 6.91
C TYR B 67 -10.68 -13.19 7.74
N LEU B 68 -11.06 -12.94 8.97
CA LEU B 68 -10.29 -12.08 9.84
C LEU B 68 -9.02 -12.74 10.39
N ASP B 69 -8.82 -14.03 10.14
CA ASP B 69 -7.55 -14.67 10.46
C ASP B 69 -6.46 -14.02 9.61
N HIS B 70 -6.83 -13.67 8.38
CA HIS B 70 -5.86 -13.24 7.39
C HIS B 70 -5.96 -11.75 7.06
N ILE B 71 -7.16 -11.18 7.19
CA ILE B 71 -7.37 -9.77 6.87
C ILE B 71 -7.51 -8.94 8.14
N LYS B 72 -6.54 -8.07 8.41
CA LYS B 72 -6.51 -7.31 9.67
C LYS B 72 -7.21 -5.94 9.58
N HIS B 73 -7.42 -5.45 8.36
CA HIS B 73 -8.17 -4.20 8.18
C HIS B 73 -9.15 -4.30 7.04
N PRO B 74 -10.32 -4.90 7.31
CA PRO B 74 -11.40 -5.11 6.34
C PRO B 74 -11.89 -3.78 5.83
N MET B 75 -12.42 -3.75 4.60
CA MET B 75 -12.97 -2.52 4.04
C MET B 75 -13.92 -2.88 2.92
N ASP B 76 -14.86 -1.97 2.65
CA ASP B 76 -15.95 -2.17 1.70
C ASP B 76 -16.58 -0.82 1.37
N PHE B 77 -17.34 -0.77 0.27
CA PHE B 77 -17.90 0.49 -0.20
C PHE B 77 -18.89 1.14 0.79
N ALA B 78 -19.60 0.35 1.58
CA ALA B 78 -20.58 0.95 2.50
C ALA B 78 -19.86 1.69 3.61
N THR B 79 -18.78 1.09 4.08
CA THR B 79 -17.95 1.66 5.14
C THR B 79 -17.26 2.94 4.64
N MET B 80 -16.83 2.92 3.39
CA MET B 80 -16.27 4.12 2.80
C MET B 80 -17.30 5.24 2.75
N ARG B 81 -18.53 4.92 2.34
CA ARG B 81 -19.60 5.92 2.23
C ARG B 81 -19.97 6.51 3.60
N LYS B 82 -19.88 5.68 4.63
CA LYS B 82 -20.09 6.12 5.99
C LYS B 82 -19.06 7.17 6.39
N ARG B 83 -17.78 6.84 6.18
CA ARG B 83 -16.70 7.76 6.48
C ARG B 83 -16.80 9.04 5.65
N LEU B 84 -17.14 8.91 4.37
CA LEU B 84 -17.31 10.08 3.51
C LEU B 84 -18.40 11.03 4.00
N GLU B 85 -19.57 10.48 4.32
CA GLU B 85 -20.70 11.34 4.66
C GLU B 85 -20.56 11.90 6.06
N ALA B 86 -19.63 11.36 6.85
CA ALA B 86 -19.36 11.84 8.20
C ALA B 86 -18.17 12.81 8.23
N GLN B 87 -17.67 13.18 7.04
CA GLN B 87 -16.58 14.15 6.89
C GLN B 87 -15.23 13.59 7.37
N GLY B 88 -15.04 12.29 7.23
CA GLY B 88 -13.85 11.63 7.75
C GLY B 88 -12.67 11.46 6.80
N TYR B 89 -12.85 11.87 5.55
CA TYR B 89 -11.73 11.96 4.62
C TYR B 89 -11.22 13.40 4.54
N LYS B 90 -9.96 13.60 4.90
CA LYS B 90 -9.37 14.94 4.94
C LYS B 90 -8.89 15.36 3.57
N ASN B 91 -8.64 14.37 2.73
CA ASN B 91 -8.10 14.59 1.40
C ASN B 91 -8.34 13.36 0.52
N LEU B 92 -8.01 13.50 -0.75
CA LEU B 92 -8.14 12.43 -1.73
C LEU B 92 -7.31 11.20 -1.36
N HIS B 93 -6.10 11.40 -0.83
CA HIS B 93 -5.21 10.29 -0.54
C HIS B 93 -5.78 9.35 0.54
N GLU B 94 -6.42 9.93 1.55
CA GLU B 94 -7.05 9.11 2.58
C GLU B 94 -8.17 8.25 1.95
N PHE B 95 -8.94 8.85 1.05
CA PHE B 95 -9.95 8.10 0.30
C PHE B 95 -9.29 7.00 -0.55
N GLU B 96 -8.24 7.37 -1.26
CA GLU B 96 -7.48 6.41 -2.05
CA GLU B 96 -7.43 6.43 -2.05
C GLU B 96 -6.98 5.21 -1.22
N GLU B 97 -6.49 5.47 -0.01
CA GLU B 97 -5.95 4.38 0.80
C GLU B 97 -7.02 3.36 1.21
N ASP B 98 -8.25 3.82 1.42
CA ASP B 98 -9.34 2.89 1.73
C ASP B 98 -9.73 2.09 0.51
N PHE B 99 -9.72 2.73 -0.67
CA PHE B 99 -10.00 1.96 -1.89
C PHE B 99 -8.92 0.89 -2.10
N ASP B 100 -7.66 1.25 -1.86
CA ASP B 100 -6.60 0.25 -1.99
C ASP B 100 -6.82 -0.94 -1.05
N LEU B 101 -7.27 -0.67 0.17
CA LEU B 101 -7.62 -1.72 1.12
C LEU B 101 -8.59 -2.73 0.53
N ILE B 102 -9.68 -2.24 -0.06
CA ILE B 102 -10.68 -3.12 -0.67
C ILE B 102 -10.02 -4.07 -1.67
N ILE B 103 -9.17 -3.51 -2.52
CA ILE B 103 -8.49 -4.25 -3.56
C ILE B 103 -7.43 -5.21 -3.02
N ASP B 104 -6.52 -4.67 -2.21
CA ASP B 104 -5.45 -5.45 -1.61
C ASP B 104 -5.96 -6.59 -0.75
N ASN B 105 -7.04 -6.33 0.01
CA ASN B 105 -7.63 -7.38 0.83
C ASN B 105 -8.15 -8.54 -0.01
N CYS B 106 -8.85 -8.20 -1.10
CA CYS B 106 -9.40 -9.22 -1.96
C CYS B 106 -8.31 -10.02 -2.66
N MET B 107 -7.27 -9.34 -3.14
CA MET B 107 -6.15 -10.00 -3.83
C MET B 107 -5.32 -10.84 -2.84
N LYS B 108 -5.34 -10.46 -1.57
CA LYS B 108 -4.62 -11.22 -0.55
CA LYS B 108 -4.63 -11.22 -0.53
C LYS B 108 -5.39 -12.46 -0.08
N TYR B 109 -6.69 -12.32 0.14
CA TYR B 109 -7.46 -13.44 0.61
C TYR B 109 -7.61 -14.51 -0.47
N ASN B 110 -7.84 -14.06 -1.70
CA ASN B 110 -8.16 -15.00 -2.76
C ASN B 110 -6.96 -15.39 -3.64
N ALA B 111 -6.99 -16.63 -4.11
CA ALA B 111 -6.06 -17.11 -5.12
C ALA B 111 -6.25 -16.36 -6.44
N ARG B 112 -5.17 -16.23 -7.21
CA ARG B 112 -5.20 -15.51 -8.50
C ARG B 112 -6.31 -16.05 -9.40
N ASP B 113 -6.41 -17.36 -9.47
CA ASP B 113 -7.29 -18.01 -10.41
C ASP B 113 -8.68 -18.14 -9.82
N THR B 114 -9.27 -17.00 -9.46
CA THR B 114 -10.64 -16.97 -8.96
C THR B 114 -11.38 -15.77 -9.57
N VAL B 115 -12.72 -15.84 -9.58
CA VAL B 115 -13.56 -14.78 -10.11
C VAL B 115 -13.43 -13.51 -9.25
N PHE B 116 -13.41 -13.68 -7.93
CA PHE B 116 -13.31 -12.51 -7.04
C PHE B 116 -11.95 -11.83 -7.20
N TYR B 117 -10.87 -12.61 -7.33
CA TYR B 117 -9.55 -11.99 -7.52
C TYR B 117 -9.48 -11.21 -8.83
N ARG B 118 -9.92 -11.80 -9.92
CA ARG B 118 -9.90 -11.07 -11.18
C ARG B 118 -10.83 -9.85 -11.08
N ALA B 119 -11.88 -9.93 -10.26
CA ALA B 119 -12.78 -8.79 -10.13
C ALA B 119 -12.06 -7.63 -9.43
N ALA B 120 -11.17 -7.97 -8.49
CA ALA B 120 -10.35 -6.99 -7.79
C ALA B 120 -9.35 -6.35 -8.75
N VAL B 121 -8.75 -7.18 -9.60
CA VAL B 121 -7.80 -6.69 -10.58
C VAL B 121 -8.53 -5.79 -11.59
N ARG B 122 -9.71 -6.23 -12.02
CA ARG B 122 -10.54 -5.42 -12.90
C ARG B 122 -10.84 -4.03 -12.31
N LEU B 123 -11.39 -4.02 -11.11
CA LEU B 123 -11.75 -2.77 -10.44
C LEU B 123 -10.54 -1.89 -10.16
N ARG B 124 -9.41 -2.53 -9.88
CA ARG B 124 -8.18 -1.77 -9.61
C ARG B 124 -7.70 -0.96 -10.82
N ASP B 125 -7.76 -1.57 -12.00
CA ASP B 125 -7.46 -0.87 -13.26
C ASP B 125 -8.44 0.24 -13.49
N GLN B 126 -9.72 -0.05 -13.35
CA GLN B 126 -10.73 0.95 -13.64
C GLN B 126 -10.67 2.08 -12.60
N GLY B 127 -10.45 1.70 -11.35
CA GLY B 127 -10.37 2.67 -10.27
C GLY B 127 -9.16 3.58 -10.39
N GLY B 128 -8.06 3.03 -10.91
CA GLY B 128 -6.86 3.81 -11.17
C GLY B 128 -7.15 5.02 -12.06
N VAL B 129 -7.78 4.78 -13.19
CA VAL B 129 -8.16 5.85 -14.11
C VAL B 129 -9.06 6.89 -13.43
N VAL B 130 -10.09 6.43 -12.73
CA VAL B 130 -10.99 7.33 -12.00
C VAL B 130 -10.20 8.19 -11.02
N LEU B 131 -9.30 7.55 -10.26
CA LEU B 131 -8.57 8.25 -9.22
C LEU B 131 -7.52 9.22 -9.77
N ARG B 132 -6.93 8.88 -10.91
CA ARG B 132 -5.97 9.83 -11.47
C ARG B 132 -6.73 11.03 -12.03
N GLN B 133 -7.94 10.79 -12.54
CA GLN B 133 -8.76 11.91 -13.01
C GLN B 133 -9.20 12.76 -11.81
N ALA B 134 -9.44 12.12 -10.68
CA ALA B 134 -9.84 12.85 -9.48
C ALA B 134 -8.70 13.70 -8.98
N ARG B 135 -7.46 13.23 -9.19
CA ARG B 135 -6.27 13.97 -8.78
C ARG B 135 -6.08 15.25 -9.62
N ARG B 136 -6.36 15.16 -10.93
CA ARG B 136 -6.36 16.36 -11.78
C ARG B 136 -7.42 17.35 -11.33
N GLU B 137 -8.56 16.84 -10.88
CA GLU B 137 -9.63 17.73 -10.44
C GLU B 137 -9.27 18.43 -9.14
N VAL B 138 -8.63 17.71 -8.23
CA VAL B 138 -8.15 18.32 -6.99
C VAL B 138 -7.20 19.49 -7.31
N ASP B 139 -6.32 19.30 -8.28
CA ASP B 139 -5.38 20.37 -8.63
C ASP B 139 -6.06 21.53 -9.35
N SER B 140 -7.05 21.20 -10.18
CA SER B 140 -7.80 22.21 -10.94
C SER B 140 -8.71 23.03 -10.03
N ILE B 141 -9.44 22.36 -9.14
CA ILE B 141 -10.38 23.04 -8.26
C ILE B 141 -9.66 23.79 -7.13
N GLY B 142 -8.47 23.30 -6.75
CA GLY B 142 -7.66 23.94 -5.73
C GLY B 142 -7.85 23.45 -4.31
N LEU B 143 -8.15 22.17 -4.17
CA LEU B 143 -8.54 21.60 -2.88
C LEU B 143 -7.36 21.34 -1.96
N GLU B 144 -6.15 21.42 -2.50
CA GLU B 144 -4.94 21.27 -1.69
C GLU B 144 -4.02 22.47 -1.86
#